data_9HSX
#
_entry.id   9HSX
#
_cell.length_a   50.354
_cell.length_b   70.945
_cell.length_c   119.638
_cell.angle_alpha   90.000
_cell.angle_beta   90.000
_cell.angle_gamma   90.000
#
_symmetry.space_group_name_H-M   'I 2 2 2'
#
loop_
_entity.id
_entity.type
_entity.pdbx_description
1 polymer 'choline-phosphate cytidylyltransferase'
2 non-polymer pyridin-2-amine
3 water water
#
_entity_poly.entity_id   1
_entity_poly.type   'polypeptide(L)'
_entity_poly.pdbx_seq_one_letter_code
;GHMAVPDDDDDDDNSNDESEYESSQMDSEKNKGSIKNSKNVVIYADGVYDMLHLGHMKQLEQAKKLFENTTLIVGVTSDN
ETKLFKGQVVQTLEERTETLKHIRWVDEIISPCPWVVTPEFLEKYKIDYVAHDDIPYANNQKEDIYAWLKRAGKFKATQR
TEGVSTTDLIVRILKNYED
;
_entity_poly.pdbx_strand_id   A
#
loop_
_chem_comp.id
_chem_comp.type
_chem_comp.name
_chem_comp.formula
HVK non-polymer pyridin-2-amine 'C5 H6 N2'
#
# COMPACT_ATOMS: atom_id res chain seq x y z
N LYS A 39 -17.95 -15.20 2.45
CA LYS A 39 -17.93 -14.12 3.40
C LYS A 39 -16.56 -13.45 3.44
N ASN A 40 -15.52 -14.13 2.97
CA ASN A 40 -14.17 -13.57 3.02
C ASN A 40 -13.92 -12.72 1.78
N VAL A 41 -13.54 -11.46 2.01
CA VAL A 41 -13.39 -10.47 0.95
C VAL A 41 -11.91 -10.21 0.72
N VAL A 42 -11.48 -10.31 -0.52
CA VAL A 42 -10.07 -10.13 -0.86
C VAL A 42 -9.86 -8.67 -1.25
N ILE A 43 -8.94 -8.02 -0.53
CA ILE A 43 -8.61 -6.61 -0.68
C ILE A 43 -7.17 -6.52 -1.13
N TYR A 44 -6.89 -5.66 -2.11
CA TYR A 44 -5.55 -5.45 -2.63
C TYR A 44 -5.15 -3.99 -2.40
N ALA A 45 -4.00 -3.80 -1.77
CA ALA A 45 -3.44 -2.48 -1.52
C ALA A 45 -1.99 -2.49 -2.01
N ASP A 46 -1.70 -1.74 -3.06
CA ASP A 46 -0.32 -1.63 -3.49
C ASP A 46 0.24 -0.29 -3.07
N GLY A 47 1.55 -0.18 -3.21
CA GLY A 47 2.26 1.04 -2.86
C GLY A 47 3.74 0.78 -2.89
N VAL A 48 4.50 1.86 -2.69
CA VAL A 48 5.94 1.74 -2.61
C VAL A 48 6.36 1.21 -1.24
N TYR A 49 5.76 1.73 -0.17
CA TYR A 49 6.10 1.32 1.20
C TYR A 49 7.57 1.53 1.48
N ASP A 50 8.11 2.65 0.99
CA ASP A 50 9.47 3.04 1.32
C ASP A 50 9.53 3.58 2.74
N MET A 51 10.48 3.08 3.52
CA MET A 51 10.67 3.53 4.90
C MET A 51 9.34 3.57 5.65
N LEU A 52 8.71 2.41 5.69
CA LEU A 52 7.38 2.25 6.27
C LEU A 52 7.26 2.98 7.60
N HIS A 53 6.18 3.74 7.76
CA HIS A 53 5.92 4.43 9.02
C HIS A 53 4.47 4.28 9.49
N LEU A 54 4.13 5.00 10.55
CA LEU A 54 2.81 4.87 11.16
C LEU A 54 1.70 5.17 10.17
N GLY A 55 1.93 6.10 9.25
CA GLY A 55 0.97 6.36 8.19
C GLY A 55 0.65 5.12 7.37
N HIS A 56 1.67 4.45 6.84
CA HIS A 56 1.39 3.25 6.08
C HIS A 56 0.60 2.25 6.92
N MET A 57 0.96 2.13 8.20
CA MET A 57 0.31 1.11 9.03
C MET A 57 -1.18 1.42 9.21
N LYS A 58 -1.50 2.66 9.58
CA LYS A 58 -2.90 3.05 9.72
C LYS A 58 -3.65 2.83 8.42
N GLN A 59 -3.05 3.19 7.29
CA GLN A 59 -3.69 2.91 6.01
C GLN A 59 -4.00 1.42 5.87
N LEU A 60 -3.01 0.58 6.18
CA LEU A 60 -3.16 -0.86 5.99
C LEU A 60 -4.21 -1.43 6.92
N GLU A 61 -4.22 -0.96 8.18
CA GLU A 61 -5.28 -1.32 9.11
C GLU A 61 -6.64 -0.98 8.54
N GLN A 62 -6.79 0.21 7.98
CA GLN A 62 -8.05 0.60 7.34
C GLN A 62 -8.43 -0.38 6.24
N ALA A 63 -7.51 -0.67 5.33
CA ALA A 63 -7.79 -1.69 4.31
C ALA A 63 -8.26 -2.98 4.96
N LYS A 64 -7.55 -3.43 5.99
CA LYS A 64 -7.86 -4.74 6.53
C LYS A 64 -9.28 -4.75 7.10
N LYS A 65 -9.76 -3.63 7.64
CA LYS A 65 -11.04 -3.60 8.32
C LYS A 65 -12.18 -3.06 7.46
N LEU A 66 -12.00 -2.99 6.15
CA LEU A 66 -13.09 -2.56 5.28
C LEU A 66 -14.31 -3.44 5.43
N PHE A 67 -14.12 -4.72 5.71
CA PHE A 67 -15.23 -5.65 5.91
C PHE A 67 -14.91 -6.52 7.11
N GLU A 68 -15.83 -7.40 7.45
CA GLU A 68 -15.69 -8.21 8.65
C GLU A 68 -14.61 -9.28 8.49
N ASN A 69 -14.65 -10.01 7.37
CA ASN A 69 -13.66 -11.05 7.07
C ASN A 69 -12.96 -10.66 5.77
N THR A 70 -11.70 -10.26 5.89
CA THR A 70 -10.90 -9.89 4.73
C THR A 70 -9.64 -10.75 4.66
N THR A 71 -9.09 -10.82 3.46
CA THR A 71 -7.68 -11.11 3.25
C THR A 71 -7.08 -9.87 2.61
N LEU A 72 -6.10 -9.25 3.26
CA LEU A 72 -5.45 -8.06 2.75
C LEU A 72 -4.21 -8.50 1.98
N ILE A 73 -4.25 -8.32 0.65
CA ILE A 73 -3.08 -8.57 -0.19
C ILE A 73 -2.39 -7.26 -0.41
N VAL A 74 -1.08 -7.23 -0.20
CA VAL A 74 -0.30 -6.00 -0.32
C VAL A 74 0.72 -6.19 -1.42
N GLY A 75 0.71 -5.30 -2.40
CA GLY A 75 1.64 -5.35 -3.50
C GLY A 75 2.73 -4.29 -3.31
N VAL A 76 3.97 -4.68 -3.57
CA VAL A 76 5.12 -3.84 -3.32
C VAL A 76 5.82 -3.62 -4.66
N THR A 77 5.97 -2.35 -5.02
CA THR A 77 6.40 -1.98 -6.37
C THR A 77 7.91 -2.19 -6.53
N SER A 78 8.31 -2.53 -7.76
CA SER A 78 9.69 -2.85 -8.05
C SER A 78 10.56 -1.60 -8.00
N ASP A 79 11.88 -1.80 -7.85
CA ASP A 79 12.80 -0.68 -7.79
C ASP A 79 12.80 0.10 -9.09
N ASN A 80 13.02 -0.62 -10.20
CA ASN A 80 13.15 0.04 -11.49
C ASN A 80 11.95 0.94 -11.78
N GLU A 81 10.74 0.41 -11.57
CA GLU A 81 9.54 1.15 -11.94
C GLU A 81 9.30 2.33 -11.01
N THR A 82 9.44 2.12 -9.70
CA THR A 82 9.40 3.24 -8.76
C THR A 82 10.36 4.35 -9.17
N LYS A 83 11.66 4.02 -9.26
CA LYS A 83 12.66 5.03 -9.58
C LYS A 83 12.27 5.83 -10.81
N LEU A 84 11.63 5.18 -11.78
CA LEU A 84 11.37 5.79 -13.06
C LEU A 84 10.10 6.66 -13.07
N PHE A 85 9.19 6.48 -12.10
CA PHE A 85 7.95 7.26 -12.04
C PHE A 85 7.93 8.19 -10.82
N LYS A 86 7.83 7.64 -9.60
CA LYS A 86 7.77 8.48 -8.41
C LYS A 86 9.04 9.31 -8.26
N GLY A 87 10.19 8.66 -8.34
CA GLY A 87 11.48 9.26 -8.08
C GLY A 87 12.35 8.28 -7.30
N GLN A 88 13.50 8.76 -6.85
CA GLN A 88 14.43 7.90 -6.13
C GLN A 88 13.70 7.16 -5.01
N VAL A 89 14.17 5.96 -4.72
CA VAL A 89 13.62 5.14 -3.65
C VAL A 89 14.76 4.74 -2.71
N VAL A 90 14.48 4.79 -1.41
CA VAL A 90 15.53 4.72 -0.42
C VAL A 90 15.90 3.28 -0.09
N GLN A 91 14.90 2.43 0.12
CA GLN A 91 15.10 1.02 0.43
C GLN A 91 14.83 0.17 -0.79
N THR A 92 15.62 -0.89 -0.95
CA THR A 92 15.41 -1.83 -2.04
C THR A 92 14.11 -2.60 -1.86
N LEU A 93 13.72 -3.29 -2.92
CA LEU A 93 12.53 -4.12 -2.83
C LEU A 93 12.60 -5.03 -1.62
N GLU A 94 13.70 -5.78 -1.47
CA GLU A 94 13.79 -6.75 -0.37
C GLU A 94 13.61 -6.07 0.98
N GLU A 95 14.23 -4.91 1.19
CA GLU A 95 14.08 -4.22 2.45
C GLU A 95 12.63 -3.78 2.67
N ARG A 96 11.99 -3.23 1.63
CA ARG A 96 10.62 -2.79 1.82
C ARG A 96 9.69 -3.97 1.98
N THR A 97 9.96 -5.09 1.34
CA THR A 97 9.08 -6.23 1.52
C THR A 97 9.22 -6.84 2.91
N GLU A 98 10.43 -6.83 3.47
CA GLU A 98 10.62 -7.53 4.74
C GLU A 98 9.92 -6.80 5.89
N THR A 99 10.01 -5.48 5.92
CA THR A 99 9.27 -4.73 6.94
C THR A 99 7.79 -5.11 6.95
N LEU A 100 7.16 -5.19 5.78
CA LEU A 100 5.75 -5.54 5.72
C LEU A 100 5.45 -6.89 6.34
N LYS A 101 6.44 -7.77 6.44
CA LYS A 101 6.23 -9.08 7.04
C LYS A 101 5.89 -9.01 8.51
N HIS A 102 6.21 -7.91 9.19
CA HIS A 102 5.94 -7.82 10.61
C HIS A 102 4.67 -7.05 10.93
N ILE A 103 3.91 -6.64 9.92
CA ILE A 103 2.77 -5.74 10.14
C ILE A 103 1.52 -6.58 10.32
N ARG A 104 0.86 -6.38 11.46
CA ARG A 104 -0.27 -7.20 11.86
C ARG A 104 -1.32 -7.34 10.77
N TRP A 105 -1.52 -6.30 9.97
CA TRP A 105 -2.68 -6.30 9.09
C TRP A 105 -2.42 -7.01 7.77
N VAL A 106 -1.16 -7.27 7.42
CA VAL A 106 -0.82 -7.82 6.13
C VAL A 106 -1.04 -9.32 6.15
N ASP A 107 -1.90 -9.83 5.26
CA ASP A 107 -2.11 -11.27 5.18
C ASP A 107 -1.28 -11.90 4.07
N GLU A 108 -1.18 -11.26 2.92
CA GLU A 108 -0.39 -11.83 1.84
C GLU A 108 0.31 -10.69 1.13
N ILE A 109 1.39 -11.03 0.44
CA ILE A 109 2.24 -10.03 -0.20
C ILE A 109 2.52 -10.48 -1.62
N ILE A 110 2.34 -9.58 -2.59
CA ILE A 110 2.86 -9.75 -3.94
C ILE A 110 4.04 -8.79 -4.11
N SER A 111 5.23 -9.37 -4.31
CA SER A 111 6.48 -8.62 -4.37
C SER A 111 7.43 -9.23 -5.40
N PRO A 112 7.72 -8.53 -6.50
CA PRO A 112 7.20 -7.19 -6.80
C PRO A 112 5.85 -7.24 -7.52
N CYS A 113 5.03 -6.20 -7.31
CA CYS A 113 3.73 -6.12 -7.97
C CYS A 113 3.81 -5.26 -9.22
N PRO A 114 2.88 -5.43 -10.14
CA PRO A 114 2.83 -4.54 -11.31
C PRO A 114 2.60 -3.09 -10.89
N TRP A 115 3.10 -2.18 -11.71
CA TRP A 115 2.93 -0.76 -11.42
C TRP A 115 1.46 -0.35 -11.53
N VAL A 116 0.77 -0.78 -12.59
CA VAL A 116 -0.62 -0.42 -12.83
C VAL A 116 -1.52 -1.64 -12.68
N VAL A 117 -2.57 -1.49 -11.88
CA VAL A 117 -3.57 -2.55 -11.71
C VAL A 117 -4.38 -2.67 -12.99
N THR A 118 -4.66 -3.92 -13.41
CA THR A 118 -5.43 -4.24 -14.61
C THR A 118 -6.59 -5.18 -14.27
N PRO A 119 -7.70 -5.08 -15.00
CA PRO A 119 -8.78 -6.06 -14.81
C PRO A 119 -8.28 -7.50 -14.78
N GLU A 120 -7.35 -7.87 -15.68
CA GLU A 120 -6.79 -9.23 -15.65
C GLU A 120 -6.14 -9.55 -14.32
N PHE A 121 -5.37 -8.61 -13.78
CA PHE A 121 -4.75 -8.82 -12.47
C PHE A 121 -5.79 -9.16 -11.42
N LEU A 122 -6.91 -8.41 -11.43
CA LEU A 122 -7.97 -8.63 -10.45
C LEU A 122 -8.52 -10.06 -10.52
N GLU A 123 -8.77 -10.55 -11.72
CA GLU A 123 -9.24 -11.93 -11.84
C GLU A 123 -8.16 -12.90 -11.37
N LYS A 124 -6.95 -12.77 -11.92
CA LYS A 124 -5.89 -13.75 -11.64
C LYS A 124 -5.70 -13.99 -10.14
N TYR A 125 -5.85 -12.95 -9.31
CA TYR A 125 -5.68 -13.09 -7.87
C TYR A 125 -7.01 -13.06 -7.10
N LYS A 126 -8.16 -13.10 -7.80
CA LYS A 126 -9.48 -13.19 -7.17
C LYS A 126 -9.72 -12.02 -6.20
N ILE A 127 -9.32 -10.82 -6.60
CA ILE A 127 -9.37 -9.64 -5.75
C ILE A 127 -10.76 -9.01 -5.83
N ASP A 128 -11.34 -8.68 -4.69
CA ASP A 128 -12.70 -8.12 -4.73
C ASP A 128 -12.71 -6.61 -4.69
N TYR A 129 -11.76 -5.99 -4.00
CA TYR A 129 -11.66 -4.54 -3.94
C TYR A 129 -10.20 -4.12 -3.89
N VAL A 130 -9.94 -2.94 -4.45
CA VAL A 130 -8.64 -2.29 -4.39
C VAL A 130 -8.76 -1.12 -3.42
N ALA A 131 -7.78 -1.00 -2.52
CA ALA A 131 -7.78 0.01 -1.48
C ALA A 131 -6.60 0.94 -1.69
N HIS A 132 -6.88 2.20 -2.00
CA HIS A 132 -5.88 3.24 -2.21
C HIS A 132 -6.49 4.56 -1.76
N ASP A 133 -5.63 5.55 -1.56
CA ASP A 133 -6.11 6.87 -1.21
C ASP A 133 -6.65 7.59 -2.44
N ASP A 134 -7.38 8.69 -2.20
CA ASP A 134 -7.88 9.55 -3.28
C ASP A 134 -7.43 11.00 -3.08
N ASP A 144 -7.89 10.47 -13.56
CA ASP A 144 -8.08 9.56 -12.44
C ASP A 144 -7.86 8.13 -12.92
N ILE A 145 -6.75 7.53 -12.50
CA ILE A 145 -6.40 6.19 -12.95
C ILE A 145 -7.35 5.14 -12.39
N TYR A 146 -8.03 5.45 -11.30
CA TYR A 146 -8.91 4.52 -10.60
C TYR A 146 -10.39 4.79 -10.90
N ALA A 147 -10.70 5.61 -11.89
CA ALA A 147 -12.08 5.77 -12.32
C ALA A 147 -12.68 4.43 -12.75
N TRP A 148 -11.94 3.66 -13.54
CA TRP A 148 -12.48 2.38 -14.00
C TRP A 148 -12.77 1.45 -12.84
N LEU A 149 -12.01 1.55 -11.75
CA LEU A 149 -12.33 0.77 -10.57
C LEU A 149 -13.62 1.24 -9.92
N LYS A 150 -13.79 2.54 -9.74
CA LYS A 150 -15.05 3.06 -9.18
C LYS A 150 -16.24 2.65 -10.05
N ARG A 151 -16.11 2.80 -11.37
CA ARG A 151 -17.20 2.39 -12.26
C ARG A 151 -17.57 0.92 -12.06
N ALA A 152 -16.60 0.08 -11.70
CA ALA A 152 -16.86 -1.35 -11.54
C ALA A 152 -17.29 -1.70 -10.12
N GLY A 153 -17.33 -0.73 -9.21
CA GLY A 153 -17.74 -0.95 -7.84
C GLY A 153 -16.65 -1.56 -6.99
N LYS A 154 -15.43 -1.54 -7.47
CA LYS A 154 -14.34 -2.26 -6.84
C LYS A 154 -13.34 -1.33 -6.18
N PHE A 155 -13.69 -0.07 -5.97
CA PHE A 155 -12.75 0.88 -5.38
C PHE A 155 -13.18 1.20 -3.95
N LYS A 156 -12.27 0.95 -3.00
CA LYS A 156 -12.45 1.28 -1.60
C LYS A 156 -11.43 2.35 -1.22
N ALA A 157 -11.90 3.50 -0.75
CA ALA A 157 -10.98 4.57 -0.40
C ALA A 157 -10.41 4.34 1.01
N THR A 158 -9.16 4.76 1.19
CA THR A 158 -8.49 4.76 2.47
C THR A 158 -7.78 6.09 2.67
N GLN A 159 -7.83 6.59 3.90
CA GLN A 159 -7.35 7.93 4.22
CA GLN A 159 -7.35 7.93 4.21
C GLN A 159 -5.88 7.87 4.66
N ARG A 160 -5.34 9.04 5.02
CA ARG A 160 -3.95 9.18 5.44
C ARG A 160 -3.89 9.89 6.78
N THR A 161 -2.68 9.93 7.34
CA THR A 161 -2.38 10.63 8.58
C THR A 161 -1.05 11.35 8.39
N GLU A 162 -1.00 12.65 8.72
CA GLU A 162 0.19 13.45 8.50
C GLU A 162 1.05 13.58 9.75
N GLY A 163 2.24 14.16 9.59
CA GLY A 163 3.15 14.34 10.70
C GLY A 163 3.79 13.08 11.23
N VAL A 164 3.76 12.00 10.44
CA VAL A 164 4.20 10.69 10.88
C VAL A 164 5.49 10.23 10.20
N SER A 165 5.98 10.96 9.20
CA SER A 165 7.07 10.46 8.37
C SER A 165 8.36 10.31 9.17
N THR A 166 9.10 9.26 8.83
CA THR A 166 10.51 9.16 9.23
C THR A 166 11.17 10.53 9.14
N THR A 167 11.14 11.14 7.97
CA THR A 167 11.71 12.47 7.77
C THR A 167 11.28 13.43 8.88
N ASP A 168 10.00 13.38 9.26
CA ASP A 168 9.51 14.33 10.25
C ASP A 168 10.25 14.16 11.59
N LEU A 169 10.51 12.91 11.98
CA LEU A 169 11.13 12.64 13.26
C LEU A 169 12.57 13.13 13.29
N ILE A 170 13.30 12.94 12.19
CA ILE A 170 14.62 13.53 12.09
C ILE A 170 14.53 15.04 12.27
N VAL A 171 13.54 15.66 11.63
CA VAL A 171 13.32 17.10 11.81
C VAL A 171 13.20 17.42 13.29
N ARG A 172 12.38 16.64 14.00
CA ARG A 172 12.24 16.89 15.43
C ARG A 172 13.55 16.72 16.16
N ILE A 173 14.34 15.72 15.76
CA ILE A 173 15.51 15.37 16.55
C ILE A 173 16.61 16.41 16.40
N LEU A 174 16.66 17.10 15.25
CA LEU A 174 17.69 18.12 15.10
C LEU A 174 17.34 19.41 15.85
N LYS A 175 16.06 19.66 16.10
CA LYS A 175 15.65 20.88 16.79
C LYS A 175 16.37 21.05 18.13
N ASN A 176 16.91 19.98 18.68
CA ASN A 176 17.67 20.01 19.93
C ASN A 176 19.02 20.70 19.76
N TYR A 177 19.32 21.23 18.58
CA TYR A 177 20.60 21.90 18.33
C TYR A 177 20.41 23.12 17.42
N1 HVK B . 0.40 2.44 -6.13
C2 HVK B . 0.99 2.09 -7.31
C3 HVK B . 2.09 2.77 -7.84
C4 HVK B . 2.60 3.86 -7.15
C5 HVK B . 2.02 4.24 -5.95
C6 HVK B . 0.93 3.50 -5.48
N HVK B . 0.52 0.98 -8.07
N1 HVK C . 0.59 8.19 5.00
C2 HVK C . 1.46 9.19 4.68
C3 HVK C . 2.38 9.11 3.63
C4 HVK C . 2.42 7.96 2.86
C5 HVK C . 1.56 6.92 3.16
C6 HVK C . 0.66 7.07 4.23
N HVK C . 1.48 10.42 5.42
H3 HVK C . 3.05 9.96 3.43
H4 HVK C . 3.14 7.88 2.04
H5 HVK C . 1.58 5.99 2.57
H6 HVK C . -0.04 6.26 4.49
HN2 HVK C . 2.32 10.95 5.62
HN1A HVK C . 0.58 10.73 5.75
#